data_1I3V
#
_entry.id   1I3V
#
_cell.length_a   41.669
_cell.length_b   56.088
_cell.length_c   102.365
_cell.angle_alpha   90.00
_cell.angle_beta   90.00
_cell.angle_gamma   90.00
#
_symmetry.space_group_name_H-M   'P 21 21 21'
#
loop_
_entity.id
_entity.type
_entity.pdbx_description
1 polymer 'ANTIBODY VHH LAMA DOMAIN'
2 water water
#
_entity_poly.entity_id   1
_entity_poly.type   'polypeptide(L)'
_entity_poly.pdbx_seq_one_letter_code
;QVQLQESGGGLVQAGDSLKLSCEASGDSIGTYVIGWFRQAPGKERIYLATIGRNLVGPSDFYTRYADSVKGRFAVSRDNA
KNTVNLQMNSLKPEDTAVYYCAAKTTTWGGNDPNNWNYWGQGTQVTVSS
;
_entity_poly.pdbx_strand_id   A,B
#
# COMPACT_ATOMS: atom_id res chain seq x y z
N GLN A 1 11.72 13.18 6.36
CA GLN A 1 10.59 14.04 5.97
C GLN A 1 9.36 13.36 5.40
N VAL A 2 9.51 12.42 4.45
CA VAL A 2 8.35 11.69 3.89
C VAL A 2 8.56 10.22 3.80
N GLN A 3 7.49 9.47 3.98
CA GLN A 3 7.54 8.01 3.82
C GLN A 3 6.74 7.74 2.55
N LEU A 4 7.25 6.86 1.70
CA LEU A 4 6.57 6.58 0.46
C LEU A 4 6.28 5.09 0.39
N GLN A 5 5.11 4.76 -0.10
CA GLN A 5 4.70 3.37 -0.21
C GLN A 5 4.00 3.21 -1.53
N GLU A 6 4.53 2.34 -2.38
CA GLU A 6 3.91 2.08 -3.67
C GLU A 6 2.87 0.98 -3.51
N SER A 7 1.94 0.88 -4.44
CA SER A 7 0.94 -0.15 -4.37
C SER A 7 0.28 -0.22 -5.73
N GLY A 8 -0.38 -1.36 -5.99
CA GLY A 8 -1.07 -1.57 -7.24
C GLY A 8 -0.38 -2.62 -8.09
N GLY A 9 0.77 -3.11 -7.63
CA GLY A 9 1.46 -4.11 -8.41
C GLY A 9 0.69 -5.43 -8.42
N GLY A 10 1.00 -6.27 -9.38
CA GLY A 10 0.33 -7.56 -9.46
C GLY A 10 0.71 -8.28 -10.72
N LEU A 11 0.05 -9.41 -10.95
CA LEU A 11 0.32 -10.18 -12.14
C LEU A 11 -0.70 -9.77 -13.19
N VAL A 12 -0.20 -9.34 -14.33
CA VAL A 12 -1.09 -8.92 -15.39
C VAL A 12 -0.68 -9.59 -16.71
N GLN A 13 -1.57 -9.55 -17.68
CA GLN A 13 -1.27 -10.16 -18.95
C GLN A 13 -0.74 -9.10 -19.90
N ALA A 14 0.06 -9.52 -20.86
CA ALA A 14 0.63 -8.59 -21.80
C ALA A 14 -0.51 -7.92 -22.53
N GLY A 15 -0.38 -6.61 -22.74
CA GLY A 15 -1.42 -5.86 -23.42
C GLY A 15 -2.35 -5.13 -22.46
N ASP A 16 -2.37 -5.55 -21.20
CA ASP A 16 -3.23 -4.93 -20.18
C ASP A 16 -2.63 -3.62 -19.65
N SER A 17 -3.40 -2.94 -18.84
CA SER A 17 -2.96 -1.69 -18.23
C SER A 17 -2.94 -1.92 -16.74
N LEU A 18 -2.15 -1.15 -16.02
CA LEU A 18 -2.12 -1.26 -14.57
C LEU A 18 -1.89 0.17 -14.07
N LYS A 19 -2.41 0.49 -12.91
CA LYS A 19 -2.25 1.83 -12.36
C LYS A 19 -1.56 1.71 -11.03
N LEU A 20 -0.37 2.27 -10.91
CA LEU A 20 0.34 2.21 -9.63
C LEU A 20 0.15 3.51 -8.87
N SER A 21 0.22 3.41 -7.55
CA SER A 21 0.11 4.56 -6.65
C SER A 21 1.32 4.65 -5.76
N CYS A 22 1.77 5.88 -5.55
CA CYS A 22 2.87 6.18 -4.67
C CYS A 22 2.21 7.12 -3.65
N GLU A 23 1.91 6.61 -2.46
CA GLU A 23 1.27 7.38 -1.42
C GLU A 23 2.32 7.76 -0.38
N ALA A 24 2.26 9.03 0.02
CA ALA A 24 3.15 9.59 1.01
C ALA A 24 2.50 9.63 2.37
N SER A 25 3.30 9.53 3.42
CA SER A 25 2.76 9.67 4.74
C SER A 25 3.82 10.43 5.53
N GLY A 26 3.36 11.18 6.52
CA GLY A 26 4.26 11.96 7.33
C GLY A 26 4.44 13.37 6.81
N ASP A 27 4.08 13.61 5.56
CA ASP A 27 4.22 14.94 5.00
C ASP A 27 3.35 14.92 3.77
N SER A 28 3.20 16.09 3.19
CA SER A 28 2.42 16.23 1.98
C SER A 28 3.36 15.98 0.81
N ILE A 29 2.87 15.25 -0.16
CA ILE A 29 3.60 14.98 -1.37
C ILE A 29 3.62 16.25 -2.26
N GLY A 30 2.78 17.24 -1.93
CA GLY A 30 2.71 18.44 -2.75
C GLY A 30 3.95 19.31 -2.89
N THR A 31 4.92 19.22 -1.98
CA THR A 31 6.12 20.04 -2.13
C THR A 31 7.38 19.27 -2.56
N TYR A 32 7.20 18.05 -3.04
CA TYR A 32 8.31 17.21 -3.48
C TYR A 32 8.17 16.85 -4.94
N VAL A 33 9.28 16.82 -5.67
CA VAL A 33 9.25 16.37 -7.05
C VAL A 33 9.21 14.83 -6.87
N ILE A 34 8.40 14.12 -7.64
CA ILE A 34 8.26 12.69 -7.51
C ILE A 34 8.74 12.03 -8.78
N GLY A 35 9.52 10.95 -8.62
CA GLY A 35 10.02 10.24 -9.76
C GLY A 35 9.69 8.76 -9.67
N TRP A 36 9.58 8.10 -10.83
CA TRP A 36 9.31 6.68 -10.90
C TRP A 36 10.52 5.98 -11.52
N PHE A 37 10.87 4.86 -10.92
CA PHE A 37 11.99 4.04 -11.38
C PHE A 37 11.52 2.58 -11.38
N ARG A 38 12.21 1.72 -12.10
CA ARG A 38 11.86 0.29 -12.00
C ARG A 38 13.17 -0.48 -12.13
N GLN A 39 13.21 -1.70 -11.61
CA GLN A 39 14.44 -2.48 -11.74
C GLN A 39 14.09 -3.92 -12.05
N ALA A 40 14.52 -4.38 -13.24
CA ALA A 40 14.29 -5.76 -13.68
C ALA A 40 15.23 -6.64 -12.86
N PRO A 41 14.81 -7.88 -12.55
CA PRO A 41 15.54 -8.89 -11.75
C PRO A 41 17.08 -8.83 -11.69
N GLY A 42 17.77 -8.61 -12.81
CA GLY A 42 19.23 -8.55 -12.74
C GLY A 42 19.83 -7.35 -13.46
N LYS A 43 19.01 -6.34 -13.67
CA LYS A 43 19.41 -5.13 -14.38
C LYS A 43 19.64 -3.94 -13.43
N GLU A 44 20.07 -2.82 -13.98
CA GLU A 44 20.26 -1.67 -13.13
C GLU A 44 18.90 -0.98 -12.98
N ARG A 45 18.77 -0.17 -11.95
CA ARG A 45 17.54 0.57 -11.69
C ARG A 45 17.47 1.69 -12.71
N ILE A 46 16.38 1.75 -13.47
CA ILE A 46 16.26 2.75 -14.50
C ILE A 46 15.11 3.74 -14.27
N TYR A 47 15.38 4.99 -14.63
CA TYR A 47 14.46 6.09 -14.54
C TYR A 47 13.27 5.93 -15.52
N LEU A 48 12.06 6.22 -15.06
CA LEU A 48 10.89 6.15 -15.93
C LEU A 48 10.20 7.50 -16.17
N ALA A 49 9.89 8.24 -15.10
CA ALA A 49 9.17 9.51 -15.26
C ALA A 49 9.30 10.42 -14.07
N THR A 50 9.09 11.72 -14.27
CA THR A 50 9.10 12.61 -13.13
C THR A 50 7.90 13.56 -13.26
N ILE A 51 7.37 13.99 -12.13
CA ILE A 51 6.28 14.96 -12.16
C ILE A 51 6.59 16.08 -11.16
N GLY A 52 6.64 17.29 -11.69
CA GLY A 52 6.93 18.48 -10.90
C GLY A 52 5.85 18.78 -9.87
N ARG A 53 6.08 19.79 -9.04
CA ARG A 53 5.10 20.12 -8.03
C ARG A 53 4.38 21.41 -8.41
N ASN A 54 4.85 22.08 -9.46
CA ASN A 54 4.28 23.33 -9.92
C ASN A 54 3.32 23.14 -11.10
N LEU A 55 2.22 23.85 -11.06
CA LEU A 55 1.23 23.81 -12.13
C LEU A 55 1.82 24.49 -13.38
N VAL A 56 1.61 23.88 -14.54
CA VAL A 56 2.09 24.44 -15.80
C VAL A 56 0.85 25.05 -16.51
N GLY A 57 -0.30 24.56 -16.09
CA GLY A 57 -1.57 25.00 -16.61
C GLY A 57 -2.53 24.66 -15.48
N PRO A 58 -3.81 25.01 -15.61
CA PRO A 58 -4.81 24.74 -14.58
C PRO A 58 -4.84 23.31 -14.07
N SER A 59 -4.75 22.35 -14.98
CA SER A 59 -4.81 20.95 -14.55
C SER A 59 -3.56 20.12 -14.85
N ASP A 60 -2.46 20.77 -15.18
CA ASP A 60 -1.26 20.02 -15.51
C ASP A 60 0.01 20.45 -14.80
N PHE A 61 0.66 19.48 -14.16
CA PHE A 61 1.92 19.75 -13.47
C PHE A 61 3.05 19.46 -14.46
N TYR A 62 4.26 20.00 -14.23
CA TYR A 62 5.40 19.73 -15.12
C TYR A 62 5.60 18.21 -15.13
N THR A 63 5.93 17.67 -16.29
CA THR A 63 6.03 16.24 -16.51
C THR A 63 7.15 15.81 -17.50
N ARG A 64 7.95 14.79 -17.15
CA ARG A 64 9.00 14.25 -18.05
C ARG A 64 8.94 12.71 -18.09
N TYR A 65 9.20 12.13 -19.26
CA TYR A 65 9.20 10.68 -19.44
C TYR A 65 10.44 10.20 -20.15
N ALA A 66 10.86 8.97 -19.84
CA ALA A 66 12.01 8.35 -20.48
C ALA A 66 11.50 7.80 -21.79
N ASP A 67 12.37 7.77 -22.79
CA ASP A 67 12.05 7.27 -24.10
C ASP A 67 11.35 5.91 -24.16
N SER A 68 11.83 4.96 -23.38
CA SER A 68 11.24 3.64 -23.41
C SER A 68 9.75 3.57 -23.03
N VAL A 69 9.22 4.59 -22.36
CA VAL A 69 7.83 4.54 -21.91
C VAL A 69 6.99 5.76 -22.35
N LYS A 70 7.62 6.78 -22.89
CA LYS A 70 6.85 7.96 -23.30
C LYS A 70 5.77 7.46 -24.25
N GLY A 71 4.55 7.94 -24.08
CA GLY A 71 3.49 7.49 -24.96
C GLY A 71 2.69 6.32 -24.41
N ARG A 72 3.29 5.50 -23.54
CA ARG A 72 2.59 4.37 -22.94
C ARG A 72 2.27 4.58 -21.46
N PHE A 73 3.10 5.36 -20.76
CA PHE A 73 2.91 5.62 -19.35
C PHE A 73 2.52 7.08 -19.14
N ALA A 74 1.72 7.32 -18.11
CA ALA A 74 1.27 8.66 -17.80
C ALA A 74 1.35 8.82 -16.29
N VAL A 75 2.05 9.84 -15.82
CA VAL A 75 2.17 10.07 -14.38
C VAL A 75 1.23 11.25 -14.01
N SER A 76 0.53 11.13 -12.88
CA SER A 76 -0.40 12.18 -12.49
C SER A 76 -0.30 12.47 -11.01
N ARG A 77 -0.77 13.64 -10.64
CA ARG A 77 -0.68 14.10 -9.26
C ARG A 77 -1.99 14.38 -8.52
N ASP A 78 -2.18 13.79 -7.30
CA ASP A 78 -3.33 14.14 -6.44
C ASP A 78 -2.84 14.53 -5.10
N ASN A 79 -2.61 15.80 -4.95
CA ASN A 79 -2.15 16.24 -3.69
C ASN A 79 -3.21 15.93 -2.60
N ALA A 80 -4.48 16.05 -2.97
CA ALA A 80 -5.60 15.86 -2.04
C ALA A 80 -5.59 14.48 -1.37
N LYS A 81 -5.10 13.48 -2.09
CA LYS A 81 -5.03 12.13 -1.53
C LYS A 81 -3.59 11.75 -1.18
N ASN A 82 -2.69 12.74 -1.24
CA ASN A 82 -1.25 12.55 -0.93
C ASN A 82 -0.71 11.41 -1.79
N THR A 83 -1.09 11.41 -3.06
CA THR A 83 -0.72 10.35 -3.97
C THR A 83 -0.31 10.82 -5.35
N VAL A 84 0.63 10.10 -5.96
CA VAL A 84 1.05 10.38 -7.35
C VAL A 84 0.81 9.03 -8.04
N ASN A 85 0.22 9.01 -9.24
CA ASN A 85 -0.03 7.73 -9.89
C ASN A 85 0.77 7.53 -11.16
N LEU A 86 0.91 6.27 -11.54
CA LEU A 86 1.62 5.95 -12.76
C LEU A 86 0.68 5.01 -13.49
N GLN A 87 0.11 5.49 -14.59
CA GLN A 87 -0.81 4.71 -15.42
C GLN A 87 0.11 3.99 -16.43
N MET A 88 0.03 2.68 -16.52
CA MET A 88 0.91 1.93 -17.43
C MET A 88 0.07 1.17 -18.45
N ASN A 89 0.16 1.58 -19.72
CA ASN A 89 -0.63 0.96 -20.76
C ASN A 89 0.18 0.06 -21.68
N SER A 90 -0.55 -0.84 -22.35
CA SER A 90 0.02 -1.79 -23.30
C SER A 90 1.29 -2.43 -22.75
N LEU A 91 1.17 -3.10 -21.62
CA LEU A 91 2.32 -3.71 -20.99
C LEU A 91 2.90 -4.90 -21.77
N LYS A 92 4.23 -5.03 -21.73
CA LYS A 92 4.94 -6.11 -22.43
C LYS A 92 5.71 -6.91 -21.39
N PRO A 93 6.17 -8.11 -21.75
CA PRO A 93 6.91 -8.86 -20.72
C PRO A 93 8.14 -8.10 -20.26
N GLU A 94 8.72 -7.29 -21.13
CA GLU A 94 9.91 -6.53 -20.76
C GLU A 94 9.62 -5.47 -19.68
N ASP A 95 8.35 -5.29 -19.33
CA ASP A 95 8.01 -4.31 -18.30
C ASP A 95 8.01 -4.93 -16.93
N THR A 96 8.22 -6.25 -16.86
CA THR A 96 8.25 -6.93 -15.58
C THR A 96 9.39 -6.38 -14.74
N ALA A 97 9.08 -5.99 -13.51
CA ALA A 97 10.10 -5.40 -12.66
C ALA A 97 9.49 -4.99 -11.32
N VAL A 98 10.32 -4.47 -10.42
CA VAL A 98 9.82 -3.95 -9.14
C VAL A 98 9.80 -2.45 -9.47
N TYR A 99 8.71 -1.74 -9.18
CA TYR A 99 8.58 -0.31 -9.52
C TYR A 99 8.70 0.52 -8.26
N TYR A 100 9.43 1.63 -8.31
CA TYR A 100 9.64 2.42 -7.12
C TYR A 100 9.33 3.86 -7.39
N CYS A 101 8.83 4.58 -6.39
CA CYS A 101 8.71 6.03 -6.57
C CYS A 101 9.73 6.62 -5.57
N ALA A 102 10.22 7.81 -5.86
CA ALA A 102 11.19 8.47 -4.99
C ALA A 102 10.82 9.94 -4.98
N ALA A 103 11.34 10.67 -3.99
CA ALA A 103 11.07 12.08 -3.84
C ALA A 103 12.31 12.90 -3.62
N LYS A 104 12.33 14.05 -4.25
CA LYS A 104 13.44 14.96 -4.03
C LYS A 104 12.88 16.39 -3.94
N THR A 105 13.71 17.30 -3.47
CA THR A 105 13.29 18.66 -3.29
C THR A 105 13.90 19.67 -4.28
N THR A 106 14.61 19.19 -5.29
CA THR A 106 15.17 20.11 -6.28
C THR A 106 14.89 19.53 -7.65
N THR A 107 14.95 20.38 -8.66
CA THR A 107 14.69 19.97 -10.01
C THR A 107 15.92 19.40 -10.71
N TRP A 108 17.09 19.65 -10.12
CA TRP A 108 18.34 19.20 -10.69
C TRP A 108 18.69 17.73 -10.50
N GLY A 109 19.79 17.30 -11.12
CA GLY A 109 20.26 15.92 -11.03
C GLY A 109 19.81 15.21 -12.29
N GLY A 110 18.52 15.32 -12.56
CA GLY A 110 17.94 14.74 -13.75
C GLY A 110 18.07 13.31 -14.27
N ASN A 111 17.13 12.45 -13.89
CA ASN A 111 17.07 11.09 -14.43
C ASN A 111 18.06 10.02 -13.98
N ASP A 112 18.84 10.33 -12.94
CA ASP A 112 19.79 9.37 -12.35
C ASP A 112 19.06 8.98 -11.07
N PRO A 113 19.24 7.75 -10.60
CA PRO A 113 18.59 7.34 -9.36
C PRO A 113 19.50 7.77 -8.21
N ASN A 114 20.59 8.42 -8.55
CA ASN A 114 21.57 8.81 -7.58
C ASN A 114 21.25 9.88 -6.54
N ASN A 115 20.56 10.95 -6.94
CA ASN A 115 20.33 12.01 -5.97
C ASN A 115 18.92 12.28 -5.46
N TRP A 116 18.22 11.23 -5.05
CA TRP A 116 16.88 11.36 -4.52
C TRP A 116 16.91 11.16 -3.00
N ASN A 117 16.18 12.04 -2.32
CA ASN A 117 16.11 12.07 -0.87
C ASN A 117 15.41 10.90 -0.19
N TYR A 118 14.23 10.57 -0.69
CA TYR A 118 13.41 9.54 -0.07
C TYR A 118 12.95 8.53 -1.11
N TRP A 119 12.87 7.27 -0.70
CA TRP A 119 12.51 6.15 -1.57
C TRP A 119 11.42 5.26 -1.02
N GLY A 120 10.64 4.67 -1.90
CA GLY A 120 9.59 3.78 -1.48
C GLY A 120 10.13 2.38 -1.30
N GLN A 121 9.23 1.45 -1.01
CA GLN A 121 9.57 0.05 -0.76
C GLN A 121 9.65 -0.77 -2.05
N GLY A 122 8.92 -0.32 -3.06
CA GLY A 122 8.91 -1.00 -4.35
C GLY A 122 7.69 -1.89 -4.41
N THR A 123 7.15 -2.05 -5.60
CA THR A 123 5.97 -2.88 -5.77
C THR A 123 6.24 -3.71 -7.02
N GLN A 124 6.01 -5.02 -6.92
CA GLN A 124 6.26 -5.95 -8.02
C GLN A 124 5.17 -6.03 -9.08
N VAL A 125 5.59 -5.93 -10.32
CA VAL A 125 4.71 -6.00 -11.48
C VAL A 125 5.20 -7.13 -12.37
N THR A 126 4.33 -8.11 -12.64
CA THR A 126 4.74 -9.21 -13.51
C THR A 126 3.84 -9.28 -14.71
N VAL A 127 4.44 -9.16 -15.88
CA VAL A 127 3.67 -9.21 -17.08
C VAL A 127 3.88 -10.53 -17.80
N SER A 128 2.85 -11.35 -17.82
CA SER A 128 3.05 -12.58 -18.53
C SER A 128 2.36 -12.55 -19.91
N SER A 129 2.44 -13.65 -20.64
CA SER A 129 1.85 -13.74 -21.98
C SER A 129 1.41 -15.19 -21.99
N GLN B 1 -1.29 0.15 27.53
CA GLN B 1 -2.42 1.07 27.29
C GLN B 1 -3.68 0.48 26.68
N VAL B 2 -3.56 -0.56 25.83
CA VAL B 2 -4.75 -1.21 25.27
C VAL B 2 -4.54 -2.68 25.10
N GLN B 3 -5.59 -3.46 25.27
CA GLN B 3 -5.50 -4.90 25.06
C GLN B 3 -6.37 -5.18 23.85
N LEU B 4 -5.85 -6.03 22.96
CA LEU B 4 -6.54 -6.34 21.72
C LEU B 4 -6.82 -7.83 21.68
N GLN B 5 -7.97 -8.19 21.14
CA GLN B 5 -8.37 -9.58 21.02
C GLN B 5 -9.10 -9.78 19.68
N GLU B 6 -8.59 -10.68 18.86
CA GLU B 6 -9.22 -10.95 17.58
C GLU B 6 -10.26 -12.05 17.71
N SER B 7 -11.24 -12.06 16.84
CA SER B 7 -12.24 -13.12 16.87
C SER B 7 -12.85 -13.21 15.49
N GLY B 8 -13.50 -14.34 15.21
CA GLY B 8 -14.12 -14.57 13.92
C GLY B 8 -13.34 -15.61 13.12
N GLY B 9 -12.22 -16.09 13.66
CA GLY B 9 -11.47 -17.08 12.92
C GLY B 9 -12.24 -18.39 12.79
N GLY B 10 -11.86 -19.23 11.84
CA GLY B 10 -12.52 -20.52 11.67
C GLY B 10 -12.24 -21.17 10.32
N LEU B 11 -12.89 -22.31 10.07
CA LEU B 11 -12.71 -23.01 8.81
C LEU B 11 -13.74 -22.60 7.75
N VAL B 12 -13.28 -22.18 6.58
CA VAL B 12 -14.19 -21.81 5.50
C VAL B 12 -13.67 -22.47 4.24
N GLN B 13 -14.50 -22.46 3.20
CA GLN B 13 -14.09 -23.05 1.95
C GLN B 13 -13.58 -21.94 1.09
N ALA B 14 -12.76 -22.30 0.12
CA ALA B 14 -12.24 -21.31 -0.81
C ALA B 14 -13.44 -20.67 -1.46
N GLY B 15 -13.38 -19.35 -1.64
CA GLY B 15 -14.49 -18.64 -2.25
C GLY B 15 -15.38 -17.91 -1.24
N ASP B 16 -15.53 -18.47 -0.05
CA ASP B 16 -16.33 -17.86 1.00
C ASP B 16 -15.69 -16.56 1.49
N SER B 17 -16.40 -15.87 2.37
CA SER B 17 -15.95 -14.61 2.96
C SER B 17 -15.97 -14.83 4.45
N LEU B 18 -15.19 -14.04 5.18
CA LEU B 18 -15.16 -14.17 6.61
C LEU B 18 -14.93 -12.76 7.17
N LYS B 19 -15.46 -12.47 8.34
CA LYS B 19 -15.31 -11.13 8.92
C LYS B 19 -14.60 -11.22 10.23
N LEU B 20 -13.42 -10.63 10.35
CA LEU B 20 -12.72 -10.68 11.64
C LEU B 20 -12.92 -9.39 12.40
N SER B 21 -12.84 -9.50 13.71
CA SER B 21 -12.96 -8.35 14.61
C SER B 21 -11.76 -8.26 15.49
N CYS B 22 -11.33 -7.03 15.68
CA CYS B 22 -10.23 -6.75 16.57
C CYS B 22 -10.92 -5.87 17.60
N GLU B 23 -11.21 -6.42 18.78
CA GLU B 23 -11.85 -5.66 19.85
C GLU B 23 -10.83 -5.25 20.93
N ALA B 24 -10.89 -3.99 21.34
CA ALA B 24 -10.01 -3.43 22.37
C ALA B 24 -10.70 -3.39 23.72
N SER B 25 -9.87 -3.37 24.76
CA SER B 25 -10.29 -3.33 26.15
C SER B 25 -9.24 -2.48 26.82
N GLY B 26 -9.63 -1.77 27.87
CA GLY B 26 -8.68 -0.94 28.61
C GLY B 26 -8.55 0.49 28.14
N ASP B 27 -8.93 0.74 26.91
CA ASP B 27 -8.84 2.07 26.37
C ASP B 27 -9.69 2.04 25.13
N SER B 28 -9.87 3.21 24.55
CA SER B 28 -10.62 3.31 23.31
C SER B 28 -9.67 3.09 22.17
N ILE B 29 -10.14 2.35 21.18
CA ILE B 29 -9.40 2.09 19.98
C ILE B 29 -9.46 3.33 19.10
N GLY B 30 -10.27 4.32 19.50
CA GLY B 30 -10.40 5.53 18.70
C GLY B 30 -9.17 6.41 18.51
N THR B 31 -8.18 6.33 19.40
CA THR B 31 -6.98 7.16 19.22
C THR B 31 -5.75 6.36 18.75
N TYR B 32 -5.98 5.16 18.25
CA TYR B 32 -4.87 4.32 17.77
C TYR B 32 -5.00 3.98 16.31
N VAL B 33 -3.86 3.89 15.62
CA VAL B 33 -3.84 3.43 14.24
C VAL B 33 -3.86 1.90 14.44
N ILE B 34 -4.70 1.18 13.70
CA ILE B 34 -4.85 -0.25 13.86
C ILE B 34 -4.35 -0.92 12.59
N GLY B 35 -3.56 -1.98 12.74
CA GLY B 35 -3.05 -2.68 11.58
C GLY B 35 -3.40 -4.16 11.67
N TRP B 36 -3.50 -4.81 10.51
CA TRP B 36 -3.81 -6.23 10.43
C TRP B 36 -2.64 -6.92 9.78
N PHE B 37 -2.27 -8.07 10.36
CA PHE B 37 -1.15 -8.87 9.91
C PHE B 37 -1.61 -10.33 9.88
N ARG B 38 -0.85 -11.18 9.23
CA ARG B 38 -1.15 -12.60 9.26
C ARG B 38 0.17 -13.34 9.12
N GLN B 39 0.21 -14.55 9.63
CA GLN B 39 1.43 -15.35 9.55
C GLN B 39 1.06 -16.78 9.20
N ALA B 40 1.54 -17.25 8.05
CA ALA B 40 1.28 -18.62 7.61
C ALA B 40 2.24 -19.52 8.37
N PRO B 41 1.81 -20.77 8.66
CA PRO B 41 2.56 -21.80 9.39
C PRO B 41 4.08 -21.59 9.46
N GLY B 42 4.77 -21.55 8.32
CA GLY B 42 6.21 -21.36 8.39
C GLY B 42 6.82 -20.15 7.72
N LYS B 43 6.06 -19.07 7.57
CA LYS B 43 6.59 -17.88 6.92
C LYS B 43 6.67 -16.67 7.84
N GLU B 44 7.17 -15.56 7.29
CA GLU B 44 7.27 -14.31 8.04
C GLU B 44 5.88 -13.75 8.30
N ARG B 45 5.77 -12.94 9.34
CA ARG B 45 4.51 -12.28 9.69
C ARG B 45 4.46 -11.10 8.73
N ILE B 46 3.39 -11.03 7.93
CA ILE B 46 3.28 -9.99 6.94
C ILE B 46 2.10 -9.01 7.17
N TYR B 47 2.34 -7.76 6.77
CA TYR B 47 1.38 -6.69 6.92
C TYR B 47 0.27 -6.83 5.90
N LEU B 48 -0.95 -6.54 6.34
CA LEU B 48 -2.08 -6.63 5.45
C LEU B 48 -2.78 -5.30 5.20
N ALA B 49 -3.09 -4.59 6.27
CA ALA B 49 -3.83 -3.36 6.08
C ALA B 49 -3.76 -2.50 7.29
N THR B 50 -4.05 -1.22 7.08
CA THR B 50 -4.11 -0.32 8.20
C THR B 50 -5.35 0.58 8.07
N ILE B 51 -5.92 0.95 9.22
CA ILE B 51 -7.03 1.88 9.23
C ILE B 51 -6.65 2.99 10.23
N GLY B 52 -6.54 4.21 9.70
CA GLY B 52 -6.14 5.35 10.49
C GLY B 52 -7.20 5.75 11.51
N ARG B 53 -6.93 6.80 12.28
CA ARG B 53 -7.89 7.22 13.28
C ARG B 53 -8.62 8.47 12.83
N ASN B 54 -8.19 9.05 11.72
CA ASN B 54 -8.82 10.27 11.25
C ASN B 54 -9.74 10.06 10.07
N LEU B 55 -10.82 10.83 10.10
CA LEU B 55 -11.82 10.81 9.06
C LEU B 55 -11.23 11.49 7.82
N VAL B 56 -11.38 10.85 6.66
CA VAL B 56 -10.91 11.42 5.40
C VAL B 56 -12.15 12.06 4.72
N GLY B 57 -13.31 11.53 5.12
CA GLY B 57 -14.60 12.00 4.64
C GLY B 57 -15.59 11.71 5.76
N PRO B 58 -16.88 12.04 5.60
CA PRO B 58 -17.94 11.83 6.59
C PRO B 58 -18.00 10.42 7.15
N SER B 59 -17.88 9.42 6.29
CA SER B 59 -17.97 8.06 6.80
C SER B 59 -16.77 7.19 6.49
N ASP B 60 -15.65 7.80 6.13
CA ASP B 60 -14.50 6.98 5.80
C ASP B 60 -13.26 7.39 6.55
N PHE B 61 -12.65 6.43 7.26
CA PHE B 61 -11.40 6.68 7.94
C PHE B 61 -10.27 6.40 6.93
N TYR B 62 -9.09 6.98 7.12
CA TYR B 62 -7.98 6.70 6.23
C TYR B 62 -7.77 5.17 6.17
N THR B 63 -7.44 4.67 4.99
CA THR B 63 -7.31 3.24 4.78
C THR B 63 -6.15 2.90 3.84
N ARG B 64 -5.50 1.76 4.08
CA ARG B 64 -4.37 1.33 3.26
C ARG B 64 -4.31 -0.19 3.22
N TYR B 65 -3.92 -0.74 2.07
CA TYR B 65 -3.86 -2.19 1.88
C TYR B 65 -2.60 -2.64 1.17
N ALA B 66 -2.15 -3.86 1.49
CA ALA B 66 -0.97 -4.44 0.87
C ALA B 66 -1.48 -5.00 -0.45
N ASP B 67 -0.59 -5.08 -1.44
CA ASP B 67 -0.99 -5.58 -2.74
C ASP B 67 -1.61 -6.96 -2.77
N SER B 68 -1.16 -7.85 -1.89
CA SER B 68 -1.71 -9.20 -1.87
C SER B 68 -3.21 -9.25 -1.54
N VAL B 69 -3.76 -8.22 -0.89
CA VAL B 69 -5.17 -8.25 -0.52
C VAL B 69 -6.06 -7.11 -1.00
N LYS B 70 -5.47 -6.12 -1.65
CA LYS B 70 -6.23 -4.98 -2.12
C LYS B 70 -7.33 -5.46 -3.04
N GLY B 71 -8.54 -4.95 -2.82
CA GLY B 71 -9.63 -5.36 -3.67
C GLY B 71 -10.41 -6.51 -3.09
N ARG B 72 -9.79 -7.31 -2.23
CA ARG B 72 -10.46 -8.45 -1.61
C ARG B 72 -10.81 -8.24 -0.14
N PHE B 73 -10.00 -7.45 0.55
CA PHE B 73 -10.20 -7.20 1.97
C PHE B 73 -10.61 -5.74 2.18
N ALA B 74 -11.43 -5.52 3.19
CA ALA B 74 -11.82 -4.17 3.49
C ALA B 74 -11.78 -4.06 5.02
N VAL B 75 -11.10 -3.05 5.52
CA VAL B 75 -11.01 -2.85 6.94
C VAL B 75 -11.96 -1.68 7.30
N SER B 76 -12.64 -1.77 8.45
CA SER B 76 -13.54 -0.70 8.85
C SER B 76 -13.45 -0.47 10.33
N ARG B 77 -13.77 0.74 10.74
CA ARG B 77 -13.69 1.06 12.14
C ARG B 77 -15.04 1.36 12.78
N ASP B 78 -15.27 0.85 13.99
CA ASP B 78 -16.48 1.13 14.73
C ASP B 78 -16.03 1.50 16.13
N ASN B 79 -15.62 2.75 16.31
CA ASN B 79 -15.16 3.25 17.62
C ASN B 79 -16.17 3.03 18.74
N ALA B 80 -17.46 3.17 18.41
CA ALA B 80 -18.54 3.00 19.39
C ALA B 80 -18.56 1.62 20.05
N LYS B 81 -18.15 0.60 19.31
CA LYS B 81 -18.12 -0.74 19.87
C LYS B 81 -16.69 -1.11 20.20
N ASN B 82 -15.78 -0.14 20.09
CA ASN B 82 -14.37 -0.34 20.37
C ASN B 82 -13.83 -1.52 19.52
N THR B 83 -14.17 -1.56 18.24
CA THR B 83 -13.80 -2.66 17.35
C THR B 83 -13.40 -2.16 15.96
N VAL B 84 -12.49 -2.88 15.30
CA VAL B 84 -12.05 -2.61 13.93
C VAL B 84 -12.33 -3.97 13.27
N ASN B 85 -12.86 -3.96 12.06
CA ASN B 85 -13.21 -5.22 11.42
C ASN B 85 -12.39 -5.39 10.18
N LEU B 86 -12.21 -6.65 9.77
CA LEU B 86 -11.47 -6.92 8.55
C LEU B 86 -12.39 -7.84 7.79
N GLN B 87 -12.98 -7.34 6.71
CA GLN B 87 -13.91 -8.14 5.90
C GLN B 87 -13.00 -8.83 4.88
N MET B 88 -13.05 -10.15 4.80
CA MET B 88 -12.17 -10.86 3.87
C MET B 88 -12.99 -11.60 2.83
N ASN B 89 -12.84 -11.22 1.58
CA ASN B 89 -13.66 -11.85 0.53
C ASN B 89 -12.85 -12.74 -0.40
N SER B 90 -13.54 -13.65 -1.10
CA SER B 90 -12.93 -14.56 -2.05
C SER B 90 -11.67 -15.21 -1.47
N LEU B 91 -11.83 -15.88 -0.35
CA LEU B 91 -10.74 -16.54 0.34
C LEU B 91 -10.14 -17.70 -0.46
N LYS B 92 -8.81 -17.79 -0.41
CA LYS B 92 -8.03 -18.82 -1.10
C LYS B 92 -7.27 -19.61 -0.07
N PRO B 93 -6.88 -20.86 -0.39
CA PRO B 93 -6.14 -21.65 0.58
C PRO B 93 -4.90 -20.90 1.03
N GLU B 94 -4.33 -20.10 0.14
CA GLU B 94 -3.14 -19.33 0.47
C GLU B 94 -3.37 -18.26 1.54
N ASP B 95 -4.63 -18.06 1.94
CA ASP B 95 -4.98 -17.07 2.96
C ASP B 95 -4.97 -17.72 4.32
N THR B 96 -4.75 -19.03 4.35
CA THR B 96 -4.73 -19.74 5.63
C THR B 96 -3.60 -19.19 6.45
N ALA B 97 -3.89 -18.81 7.70
CA ALA B 97 -2.87 -18.24 8.56
C ALA B 97 -3.48 -17.85 9.89
N VAL B 98 -2.67 -17.30 10.77
CA VAL B 98 -3.16 -16.80 12.04
C VAL B 98 -3.21 -15.32 11.72
N TYR B 99 -4.34 -14.66 11.99
CA TYR B 99 -4.48 -13.23 11.67
C TYR B 99 -4.37 -12.45 12.95
N TYR B 100 -3.64 -11.33 12.93
CA TYR B 100 -3.46 -10.52 14.15
C TYR B 100 -3.79 -9.08 13.91
N CYS B 101 -4.27 -8.38 14.93
CA CYS B 101 -4.43 -6.92 14.75
C CYS B 101 -3.42 -6.33 15.73
N ALA B 102 -2.92 -5.13 15.45
CA ALA B 102 -1.95 -4.45 16.33
C ALA B 102 -2.29 -2.95 16.31
N ALA B 103 -1.79 -2.23 17.31
CA ALA B 103 -2.05 -0.81 17.46
C ALA B 103 -0.80 -0.04 17.71
N LYS B 104 -0.74 1.15 17.14
CA LYS B 104 0.35 2.08 17.36
C LYS B 104 -0.23 3.50 17.42
N THR B 105 0.59 4.42 17.94
CA THR B 105 0.21 5.81 18.13
C THR B 105 0.93 6.84 17.25
N THR B 106 1.70 6.38 16.27
CA THR B 106 2.41 7.29 15.36
C THR B 106 2.11 6.84 13.95
N THR B 107 2.43 7.68 12.98
CA THR B 107 2.16 7.28 11.60
C THR B 107 3.46 6.92 10.90
N TRP B 108 4.56 7.13 11.60
CA TRP B 108 5.86 6.85 11.04
C TRP B 108 6.33 5.43 11.09
N GLY B 109 7.40 5.21 10.35
CA GLY B 109 8.12 3.93 10.37
C GLY B 109 7.71 3.23 9.17
N GLY B 110 6.49 2.79 9.34
CA GLY B 110 5.73 2.15 8.29
C GLY B 110 5.94 0.88 7.59
N ASN B 111 4.87 0.08 7.73
CA ASN B 111 4.47 -1.25 7.21
C ASN B 111 5.12 -2.58 7.40
N ASP B 112 5.70 -2.72 8.56
CA ASP B 112 6.31 -3.88 8.95
C ASP B 112 5.95 -4.04 10.33
N PRO B 113 5.90 -5.25 10.73
CA PRO B 113 5.53 -5.51 12.09
C PRO B 113 6.45 -5.01 13.18
N ASN B 114 7.58 -4.50 12.76
CA ASN B 114 8.58 -4.05 13.69
C ASN B 114 8.23 -3.00 14.70
N ASN B 115 7.48 -1.98 14.33
CA ASN B 115 7.23 -0.97 15.32
C ASN B 115 5.79 -0.67 15.75
N TRP B 116 5.13 -1.69 16.27
CA TRP B 116 3.77 -1.59 16.77
C TRP B 116 3.77 -1.80 18.28
N ASN B 117 3.13 -0.87 18.99
CA ASN B 117 3.06 -0.85 20.44
C ASN B 117 2.33 -1.98 21.09
N TYR B 118 1.18 -2.39 20.54
CA TYR B 118 0.38 -3.42 21.17
C TYR B 118 -0.12 -4.41 20.14
N TRP B 119 -0.16 -5.69 20.54
CA TRP B 119 -0.56 -6.81 19.70
C TRP B 119 -1.67 -7.66 20.28
N GLY B 120 -2.48 -8.25 19.41
CA GLY B 120 -3.53 -9.13 19.87
C GLY B 120 -2.96 -10.54 20.00
N GLN B 121 -3.82 -11.50 20.27
CA GLN B 121 -3.45 -12.90 20.46
C GLN B 121 -3.44 -13.75 19.18
N GLY B 122 -4.14 -13.27 18.15
CA GLY B 122 -4.22 -13.99 16.88
C GLY B 122 -5.44 -14.87 16.80
N THR B 123 -6.00 -15.01 15.61
CA THR B 123 -7.16 -15.87 15.41
C THR B 123 -6.86 -16.71 14.18
N GLN B 124 -7.10 -18.02 14.26
CA GLN B 124 -6.82 -18.91 13.15
C GLN B 124 -7.85 -18.92 12.06
N VAL B 125 -7.39 -18.79 10.82
CA VAL B 125 -8.30 -18.84 9.71
C VAL B 125 -7.80 -19.96 8.83
N THR B 126 -8.65 -20.94 8.57
CA THR B 126 -8.23 -22.03 7.71
C THR B 126 -9.12 -22.07 6.50
N VAL B 127 -8.50 -21.97 5.34
CA VAL B 127 -9.27 -22.01 4.12
C VAL B 127 -8.95 -23.28 3.33
N SER B 128 -9.98 -24.10 3.11
CA SER B 128 -9.75 -25.31 2.37
C SER B 128 -10.55 -25.36 1.09
N SER B 129 -10.13 -26.26 0.20
CA SER B 129 -10.93 -26.49 -0.99
C SER B 129 -11.33 -27.89 -0.54
#